data_7I9S
#
_entry.id   7I9S
#
_cell.length_a   42.379
_cell.length_b   42.379
_cell.length_c   217.595
_cell.angle_alpha   90.000
_cell.angle_beta   90.000
_cell.angle_gamma   90.000
#
_symmetry.space_group_name_H-M   'P 43 2 2'
#
loop_
_entity.id
_entity.type
_entity.pdbx_description
1 polymer 'Serine protease subunit NS2B'
2 polymer 'Serine protease NS3'
3 non-polymer 'DIMETHYL SULFOXIDE'
4 non-polymer 6-bromo-N-(2,3-dihydro-1H-isoindol-5-yl)-1H-indole-4-carboxamide
5 water water
#
loop_
_entity_poly.entity_id
_entity_poly.type
_entity_poly.pdbx_seq_one_letter_code
_entity_poly.pdbx_strand_id
1 'polypeptide(L)' SMGKSVDMYIERAGDITWEKDAEVTGNSPRLDVALDESGDFSLVEE A
2 'polypeptide(L)'
;MKEVKKGETTDGVYRVMTRRLLGSTQVGVGVMQEGVFHTMWHVTKGAALRSGEGRLDPYWGDVKQDLVSYCGPWKLDAAW
DGLSEVQLLAVPPGERAKNIQTLPGIFKTKDGDIGAVALDYPAGTSGSPILDKCGRVIGLYGNGVVIKNGSYVSAITQGK
REEETPVE
;
B
#
loop_
_chem_comp.id
_chem_comp.type
_chem_comp.name
_chem_comp.formula
A1B9C non-polymer 6-bromo-N-(2,3-dihydro-1H-isoindol-5-yl)-1H-indole-4-carboxamide 'C17 H14 Br N3 O'
DMS non-polymer 'DIMETHYL SULFOXIDE' 'C2 H6 O S'
#
# COMPACT_ATOMS: atom_id res chain seq x y z
N ASP A 7 -14.39 -5.01 14.87
CA ASP A 7 -14.23 -3.57 14.64
C ASP A 7 -12.74 -3.27 14.44
N MET A 8 -12.42 -2.74 13.29
CA MET A 8 -11.05 -2.44 12.94
C MET A 8 -10.57 -1.14 13.54
N TYR A 9 -9.30 -1.10 13.94
CA TYR A 9 -8.69 0.08 14.55
C TYR A 9 -7.29 0.32 14.01
N ILE A 10 -6.81 1.57 14.09
CA ILE A 10 -5.47 1.90 13.60
C ILE A 10 -4.49 2.28 14.75
N GLU A 11 -3.18 2.01 14.53
CA GLU A 11 -2.12 2.31 15.52
C GLU A 11 -0.97 2.93 14.74
N ARG A 12 -0.42 4.07 15.22
CA ARG A 12 0.71 4.68 14.48
C ARG A 12 1.92 3.75 14.48
N ALA A 13 2.62 3.65 13.34
CA ALA A 13 3.80 2.79 13.20
C ALA A 13 5.08 3.53 12.82
N GLY A 14 4.97 4.77 12.36
CA GLY A 14 6.16 5.54 12.02
C GLY A 14 5.90 6.75 11.15
N ASP A 15 6.99 7.47 10.83
CA ASP A 15 6.99 8.63 9.94
C ASP A 15 7.19 8.11 8.52
N ILE A 16 6.81 8.91 7.52
CA ILE A 16 7.07 8.55 6.14
C ILE A 16 8.24 9.39 5.64
N THR A 17 9.43 8.79 5.60
CA THR A 17 10.65 9.47 5.17
C THR A 17 11.58 8.53 4.40
N TRP A 18 12.34 9.08 3.46
CA TRP A 18 13.34 8.31 2.74
C TRP A 18 14.49 8.06 3.72
N GLU A 19 14.98 6.82 3.80
CA GLU A 19 16.09 6.45 4.68
C GLU A 19 17.38 6.31 3.86
N LYS A 20 18.42 7.12 4.14
CA LYS A 20 19.69 6.98 3.43
C LYS A 20 20.34 5.67 3.89
N ASP A 21 20.89 4.90 2.96
CA ASP A 21 21.53 3.63 3.31
C ASP A 21 20.56 2.60 3.93
N ALA A 22 19.41 2.42 3.28
CA ALA A 22 18.45 1.39 3.68
C ALA A 22 18.92 0.07 3.00
N GLU A 23 18.39 -1.08 3.45
CA GLU A 23 18.73 -2.36 2.82
C GLU A 23 18.19 -2.35 1.36
N VAL A 24 19.03 -2.72 0.38
CA VAL A 24 18.64 -2.73 -1.03
C VAL A 24 18.46 -4.17 -1.49
N THR A 25 17.22 -4.56 -1.89
CA THR A 25 16.94 -5.93 -2.33
C THR A 25 15.84 -5.97 -3.41
N GLY A 26 15.56 -7.14 -3.97
CA GLY A 26 14.52 -7.30 -4.99
C GLY A 26 14.98 -7.07 -6.42
N ASN A 27 14.40 -7.83 -7.35
CA ASN A 27 14.68 -7.70 -8.77
C ASN A 27 13.64 -6.75 -9.45
N SER A 28 13.69 -6.54 -10.78
CA SER A 28 12.81 -5.62 -11.52
C SER A 28 12.17 -6.34 -12.72
N PRO A 29 11.23 -7.27 -12.49
CA PRO A 29 10.67 -8.04 -13.62
C PRO A 29 9.70 -7.27 -14.51
N ARG A 30 9.69 -7.60 -15.81
CA ARG A 30 8.73 -7.02 -16.74
C ARG A 30 7.71 -8.10 -17.02
N LEU A 31 6.48 -7.92 -16.53
CA LEU A 31 5.43 -8.92 -16.61
C LEU A 31 4.22 -8.42 -17.38
N ASP A 32 3.66 -9.22 -18.30
CA ASP A 32 2.43 -8.85 -18.97
C ASP A 32 1.30 -9.29 -18.07
N VAL A 33 0.45 -8.35 -17.64
CA VAL A 33 -0.64 -8.67 -16.73
C VAL A 33 -1.98 -8.15 -17.29
N ALA A 34 -3.08 -8.65 -16.72
CA ALA A 34 -4.45 -8.22 -17.00
C ALA A 34 -5.11 -7.88 -15.65
N LEU A 35 -6.01 -6.91 -15.61
CA LEU A 35 -6.71 -6.49 -14.41
C LEU A 35 -8.23 -6.66 -14.63
N ASP A 36 -8.86 -7.47 -13.78
CA ASP A 36 -10.28 -7.74 -13.96
C ASP A 36 -11.17 -6.76 -13.17
N GLU A 37 -12.49 -6.86 -13.33
CA GLU A 37 -13.42 -5.98 -12.65
C GLU A 37 -13.30 -6.04 -11.12
N SER A 38 -12.91 -7.19 -10.54
CA SER A 38 -12.75 -7.29 -9.08
C SER A 38 -11.38 -6.73 -8.56
N GLY A 39 -10.63 -6.05 -9.43
CA GLY A 39 -9.33 -5.49 -9.07
C GLY A 39 -8.25 -6.55 -8.84
N ASP A 40 -8.42 -7.75 -9.45
CA ASP A 40 -7.45 -8.82 -9.33
C ASP A 40 -6.57 -8.92 -10.58
N PHE A 41 -5.26 -8.89 -10.37
CA PHE A 41 -4.29 -9.02 -11.45
C PHE A 41 -4.05 -10.49 -11.75
N SER A 42 -3.80 -10.80 -13.02
CA SER A 42 -3.43 -12.15 -13.41
C SER A 42 -2.34 -12.05 -14.45
N LEU A 43 -1.47 -13.08 -14.50
CA LEU A 43 -0.39 -13.09 -15.48
C LEU A 43 -0.87 -13.55 -16.83
N VAL A 44 -0.53 -12.81 -17.87
CA VAL A 44 -0.85 -13.19 -19.25
C VAL A 44 0.46 -13.75 -19.79
N GLU A 45 0.47 -15.00 -20.24
CA GLU A 45 1.71 -15.58 -20.75
C GLU A 45 1.58 -16.10 -22.16
N GLY B 7 -9.39 10.70 17.52
CA GLY B 7 -8.13 10.06 17.92
C GLY B 7 -6.90 10.66 17.27
N GLU B 8 -5.89 9.81 16.97
CA GLU B 8 -4.66 10.31 16.36
C GLU B 8 -4.81 10.61 14.88
N THR B 9 -4.50 11.86 14.50
N THR B 9 -4.51 11.87 14.50
CA THR B 9 -4.61 12.27 13.09
CA THR B 9 -4.59 12.33 13.12
C THR B 9 -3.24 12.79 12.56
C THR B 9 -3.24 12.78 12.56
N THR B 10 -2.15 12.55 13.30
CA THR B 10 -0.82 12.94 12.88
C THR B 10 -0.44 12.18 11.62
N ASP B 11 0.17 12.87 10.64
CA ASP B 11 0.67 12.26 9.41
C ASP B 11 1.60 11.09 9.74
N GLY B 12 1.57 10.04 8.94
CA GLY B 12 2.43 8.90 9.16
C GLY B 12 1.85 7.60 8.64
N VAL B 13 2.56 6.50 8.92
CA VAL B 13 2.12 5.18 8.51
C VAL B 13 1.47 4.50 9.72
N TYR B 14 0.40 3.76 9.49
CA TYR B 14 -0.37 3.15 10.55
C TYR B 14 -0.67 1.69 10.25
N ARG B 15 -0.83 0.89 11.30
CA ARG B 15 -1.25 -0.49 11.15
C ARG B 15 -2.78 -0.50 11.22
N VAL B 16 -3.42 -1.41 10.51
CA VAL B 16 -4.86 -1.63 10.55
C VAL B 16 -5.05 -2.98 11.22
N MET B 17 -5.65 -2.99 12.39
CA MET B 17 -5.81 -4.16 13.24
C MET B 17 -7.28 -4.58 13.39
N THR B 18 -7.49 -5.83 13.81
CA THR B 18 -8.82 -6.35 14.09
C THR B 18 -8.77 -7.27 15.33
N ARG B 19 -9.79 -7.20 16.20
CA ARG B 19 -9.89 -8.12 17.34
C ARG B 19 -10.98 -9.22 17.13
N ARG B 20 -11.41 -9.40 15.87
CA ARG B 20 -12.44 -10.35 15.43
C ARG B 20 -11.92 -11.79 15.41
N LEU B 21 -10.65 -11.98 15.07
CA LEU B 21 -10.05 -13.31 15.00
C LEU B 21 -9.29 -13.61 16.34
N LEU B 22 -8.41 -14.62 16.37
CA LEU B 22 -7.65 -14.95 17.57
C LEU B 22 -6.70 -13.79 17.89
N GLY B 23 -6.72 -13.30 19.14
CA GLY B 23 -5.90 -12.18 19.58
C GLY B 23 -6.12 -10.91 18.76
N SER B 24 -5.04 -10.14 18.54
CA SER B 24 -5.09 -8.91 17.74
C SER B 24 -4.40 -9.25 16.45
N THR B 25 -5.10 -9.14 15.32
CA THR B 25 -4.55 -9.50 14.03
C THR B 25 -4.38 -8.30 13.13
N GLN B 26 -3.22 -8.20 12.48
CA GLN B 26 -2.99 -7.11 11.55
C GLN B 26 -3.54 -7.50 10.20
N VAL B 27 -4.56 -6.78 9.73
CA VAL B 27 -5.15 -7.03 8.39
C VAL B 27 -4.51 -6.16 7.30
N GLY B 28 -3.81 -5.10 7.67
CA GLY B 28 -3.16 -4.22 6.72
C GLY B 28 -2.50 -3.00 7.32
N VAL B 29 -2.18 -2.04 6.44
CA VAL B 29 -1.45 -0.81 6.73
C VAL B 29 -2.07 0.36 5.94
N GLY B 30 -1.85 1.58 6.42
CA GLY B 30 -2.30 2.76 5.69
C GLY B 30 -1.52 4.01 5.96
N VAL B 31 -1.80 5.05 5.17
CA VAL B 31 -1.14 6.35 5.27
C VAL B 31 -2.09 7.47 5.73
N MET B 32 -1.72 8.21 6.76
CA MET B 32 -2.46 9.37 7.20
C MET B 32 -1.72 10.59 6.61
N GLN B 33 -2.39 11.38 5.78
CA GLN B 33 -1.83 12.57 5.17
C GLN B 33 -2.91 13.60 5.01
N GLU B 34 -2.70 14.83 5.51
CA GLU B 34 -3.68 15.91 5.40
C GLU B 34 -5.06 15.56 6.02
N GLY B 35 -5.07 14.83 7.14
CA GLY B 35 -6.30 14.45 7.81
C GLY B 35 -7.14 13.38 7.12
N VAL B 36 -6.55 12.71 6.12
CA VAL B 36 -7.21 11.65 5.37
C VAL B 36 -6.42 10.34 5.54
N PHE B 37 -7.12 9.22 5.83
CA PHE B 37 -6.46 7.93 5.96
C PHE B 37 -6.66 7.16 4.64
N HIS B 38 -5.55 6.75 4.04
CA HIS B 38 -5.47 6.05 2.77
C HIS B 38 -5.07 4.59 2.95
N THR B 39 -5.84 3.62 2.40
CA THR B 39 -5.45 2.23 2.48
C THR B 39 -5.95 1.49 1.21
N MET B 40 -5.73 0.15 1.15
CA MET B 40 -6.23 -0.65 0.04
C MET B 40 -7.63 -1.15 0.40
N TRP B 41 -8.53 -1.20 -0.60
CA TRP B 41 -9.89 -1.64 -0.40
CA TRP B 41 -9.90 -1.64 -0.40
C TRP B 41 -9.96 -3.02 0.24
N HIS B 42 -9.16 -3.98 -0.26
CA HIS B 42 -9.20 -5.33 0.30
C HIS B 42 -8.81 -5.42 1.79
N VAL B 43 -8.20 -4.36 2.36
CA VAL B 43 -7.82 -4.37 3.76
C VAL B 43 -9.05 -4.22 4.65
N THR B 44 -9.89 -3.19 4.38
CA THR B 44 -11.04 -2.89 5.23
C THR B 44 -12.40 -3.30 4.67
N LYS B 45 -12.47 -3.54 3.34
CA LYS B 45 -13.69 -3.80 2.56
C LYS B 45 -14.69 -2.61 2.69
N GLY B 46 -14.17 -1.40 2.92
CA GLY B 46 -14.98 -0.22 3.08
C GLY B 46 -15.58 -0.04 4.47
N ALA B 47 -15.25 -0.92 5.44
CA ALA B 47 -15.81 -0.80 6.79
C ALA B 47 -15.27 0.44 7.53
N ALA B 48 -15.98 0.94 8.56
CA ALA B 48 -15.52 2.06 9.38
C ALA B 48 -14.28 1.65 10.22
N LEU B 49 -13.48 2.63 10.62
CA LEU B 49 -12.29 2.36 11.44
C LEU B 49 -12.36 3.17 12.74
N ARG B 50 -11.65 2.72 13.75
CA ARG B 50 -11.57 3.43 15.01
C ARG B 50 -10.11 3.93 15.22
N SER B 51 -9.95 5.15 15.71
CA SER B 51 -8.62 5.69 16.05
C SER B 51 -8.77 6.24 17.46
N GLY B 52 -8.40 5.44 18.46
CA GLY B 52 -8.60 5.82 19.85
C GLY B 52 -10.07 5.76 20.15
N GLU B 53 -10.67 6.87 20.58
CA GLU B 53 -12.12 6.97 20.80
C GLU B 53 -12.87 7.52 19.56
N GLY B 54 -12.14 8.02 18.56
CA GLY B 54 -12.73 8.60 17.36
C GLY B 54 -13.05 7.58 16.28
N ARG B 55 -13.99 7.92 15.40
CA ARG B 55 -14.38 7.03 14.31
C ARG B 55 -13.95 7.63 12.97
N LEU B 56 -13.44 6.81 12.06
CA LEU B 56 -13.07 7.26 10.73
C LEU B 56 -14.08 6.60 9.77
N ASP B 57 -14.83 7.41 9.02
CA ASP B 57 -15.80 6.88 8.07
C ASP B 57 -15.24 6.89 6.64
N PRO B 58 -15.57 5.85 5.83
CA PRO B 58 -15.09 5.87 4.43
C PRO B 58 -15.63 7.09 3.68
N TYR B 59 -14.85 7.63 2.75
CA TYR B 59 -15.25 8.79 1.97
C TYR B 59 -15.30 8.44 0.48
N TRP B 60 -14.31 7.72 0.01
CA TRP B 60 -14.22 7.34 -1.39
C TRP B 60 -13.61 5.94 -1.47
N GLY B 61 -14.05 5.16 -2.45
CA GLY B 61 -13.44 3.83 -2.63
C GLY B 61 -13.74 3.25 -3.98
N ASP B 62 -12.90 2.31 -4.41
CA ASP B 62 -13.08 1.64 -5.71
C ASP B 62 -12.43 0.25 -5.62
N VAL B 63 -13.24 -0.80 -5.82
CA VAL B 63 -12.77 -2.19 -5.79
C VAL B 63 -11.76 -2.47 -6.91
N LYS B 64 -11.95 -1.87 -8.10
CA LYS B 64 -11.02 -2.17 -9.23
C LYS B 64 -9.64 -1.54 -9.04
N GLN B 65 -9.58 -0.28 -8.58
CA GLN B 65 -8.30 0.35 -8.24
C GLN B 65 -7.72 -0.29 -6.93
N ASP B 66 -8.60 -0.90 -6.10
CA ASP B 66 -8.30 -1.52 -4.81
C ASP B 66 -7.81 -0.46 -3.83
N LEU B 67 -8.44 0.72 -3.82
CA LEU B 67 -8.11 1.83 -2.91
C LEU B 67 -9.35 2.36 -2.16
N VAL B 68 -9.12 3.01 -1.00
CA VAL B 68 -10.17 3.59 -0.18
C VAL B 68 -9.53 4.73 0.63
N SER B 69 -10.28 5.83 0.83
CA SER B 69 -9.83 6.96 1.66
C SER B 69 -10.90 7.19 2.75
N TYR B 70 -10.49 7.69 3.90
CA TYR B 70 -11.38 7.94 5.03
C TYR B 70 -11.25 9.40 5.43
N CYS B 71 -12.38 10.05 5.83
CA CYS B 71 -12.47 11.43 6.32
C CYS B 71 -12.35 12.51 5.22
N GLY B 72 -11.98 12.12 4.01
CA GLY B 72 -11.83 13.10 2.92
C GLY B 72 -11.37 12.44 1.64
N PRO B 73 -11.21 13.21 0.55
CA PRO B 73 -10.82 12.60 -0.71
C PRO B 73 -9.36 12.15 -0.75
N TRP B 74 -9.01 11.26 -1.70
CA TRP B 74 -7.64 10.76 -1.84
C TRP B 74 -6.66 11.93 -2.06
N LYS B 75 -5.60 12.03 -1.25
CA LYS B 75 -4.66 13.16 -1.31
C LYS B 75 -3.34 12.86 -1.99
N LEU B 76 -2.98 11.59 -2.14
CA LEU B 76 -1.67 11.20 -2.66
C LEU B 76 -1.64 11.24 -4.16
N ASP B 77 -0.70 12.00 -4.78
CA ASP B 77 -0.65 12.06 -6.23
C ASP B 77 0.74 11.96 -6.84
N ALA B 78 1.77 11.73 -6.03
CA ALA B 78 3.13 11.58 -6.56
C ALA B 78 3.20 10.29 -7.42
N ALA B 79 4.07 10.30 -8.44
CA ALA B 79 4.20 9.17 -9.34
C ALA B 79 5.62 8.66 -9.43
N TRP B 80 5.82 7.34 -9.67
CA TRP B 80 7.16 6.79 -9.90
C TRP B 80 7.67 7.42 -11.19
N ASP B 81 8.92 7.95 -11.19
CA ASP B 81 9.42 8.59 -12.42
C ASP B 81 9.79 7.62 -13.54
N GLY B 82 9.74 6.30 -13.28
CA GLY B 82 10.05 5.30 -14.30
C GLY B 82 11.53 4.95 -14.43
N LEU B 83 12.38 5.57 -13.62
CA LEU B 83 13.84 5.36 -13.70
C LEU B 83 14.56 5.12 -12.38
N SER B 84 14.20 5.84 -11.32
CA SER B 84 14.90 5.78 -10.04
C SER B 84 14.46 4.66 -9.12
N GLU B 85 15.31 4.33 -8.14
CA GLU B 85 14.94 3.37 -7.11
C GLU B 85 13.90 4.04 -6.19
N VAL B 86 13.17 3.22 -5.45
CA VAL B 86 12.13 3.65 -4.54
C VAL B 86 12.32 2.88 -3.24
N GLN B 87 11.58 3.26 -2.17
CA GLN B 87 11.63 2.52 -0.95
C GLN B 87 10.22 2.08 -0.56
N LEU B 88 10.06 0.83 -0.20
CA LEU B 88 8.84 0.31 0.36
C LEU B 88 9.02 0.50 1.88
N LEU B 89 8.09 1.20 2.54
CA LEU B 89 8.16 1.38 3.97
C LEU B 89 7.31 0.22 4.48
N ALA B 90 7.91 -0.98 4.58
CA ALA B 90 7.18 -2.17 5.00
C ALA B 90 6.87 -2.19 6.46
N VAL B 91 5.58 -2.44 6.81
CA VAL B 91 5.10 -2.51 8.18
C VAL B 91 4.50 -3.92 8.34
N PRO B 92 5.36 -4.97 8.52
CA PRO B 92 4.80 -6.33 8.62
C PRO B 92 4.18 -6.62 9.98
N PRO B 93 3.26 -7.60 10.06
CA PRO B 93 2.62 -7.91 11.34
C PRO B 93 3.62 -8.22 12.47
N GLY B 94 3.42 -7.61 13.62
CA GLY B 94 4.25 -7.78 14.82
C GLY B 94 5.70 -7.33 14.69
N GLU B 95 6.04 -6.67 13.59
CA GLU B 95 7.41 -6.27 13.31
C GLU B 95 7.53 -4.77 13.07
N ARG B 96 8.67 -4.19 13.46
CA ARG B 96 8.96 -2.77 13.32
C ARG B 96 8.96 -2.30 11.87
N ALA B 97 8.50 -1.05 11.62
CA ALA B 97 8.51 -0.44 10.29
C ALA B 97 9.97 -0.37 9.78
N LYS B 98 10.21 -0.80 8.55
CA LYS B 98 11.55 -0.79 7.97
C LYS B 98 11.50 -0.38 6.50
N ASN B 99 12.40 0.53 6.07
CA ASN B 99 12.49 0.97 4.68
C ASN B 99 13.31 -0.03 3.90
N ILE B 100 12.80 -0.46 2.73
CA ILE B 100 13.47 -1.41 1.86
C ILE B 100 13.60 -0.78 0.49
N GLN B 101 14.83 -0.57 0.02
CA GLN B 101 15.07 0.05 -1.27
C GLN B 101 15.09 -0.96 -2.40
N THR B 102 14.47 -0.62 -3.56
CA THR B 102 14.43 -1.52 -4.71
C THR B 102 14.22 -0.74 -6.01
N LEU B 103 14.60 -1.35 -7.14
CA LEU B 103 14.33 -0.74 -8.43
C LEU B 103 13.08 -1.44 -8.96
N PRO B 104 12.01 -0.68 -9.19
CA PRO B 104 10.78 -1.31 -9.67
C PRO B 104 10.87 -1.89 -11.07
N GLY B 105 10.17 -2.99 -11.26
CA GLY B 105 9.93 -3.57 -12.56
C GLY B 105 8.68 -2.91 -13.16
N ILE B 106 8.05 -3.58 -14.11
CA ILE B 106 6.90 -3.07 -14.84
C ILE B 106 5.81 -4.12 -15.05
N PHE B 107 4.57 -3.73 -14.81
CA PHE B 107 3.39 -4.50 -15.18
C PHE B 107 2.98 -3.89 -16.51
N LYS B 108 2.93 -4.69 -17.59
CA LYS B 108 2.48 -4.19 -18.88
C LYS B 108 1.01 -4.58 -19.06
N THR B 109 0.10 -3.61 -19.23
CA THR B 109 -1.32 -3.92 -19.38
C THR B 109 -1.88 -3.35 -20.71
N LYS B 110 -3.09 -3.79 -21.11
CA LYS B 110 -3.73 -3.27 -22.32
C LYS B 110 -4.03 -1.75 -22.21
N ASP B 111 -4.09 -1.21 -20.98
CA ASP B 111 -4.34 0.20 -20.70
C ASP B 111 -3.11 0.99 -20.27
N GLY B 112 -1.91 0.48 -20.53
CA GLY B 112 -0.69 1.17 -20.16
C GLY B 112 0.16 0.44 -19.14
N ASP B 113 1.40 0.92 -18.96
CA ASP B 113 2.36 0.34 -18.02
C ASP B 113 2.25 0.93 -16.61
N ILE B 114 2.60 0.11 -15.62
CA ILE B 114 2.55 0.49 -14.21
C ILE B 114 3.80 -0.05 -13.53
N GLY B 115 4.40 0.70 -12.61
CA GLY B 115 5.55 0.22 -11.85
C GLY B 115 5.15 -0.94 -10.95
N ALA B 116 6.09 -1.85 -10.69
CA ALA B 116 5.83 -2.99 -9.83
C ALA B 116 7.02 -3.26 -8.92
N VAL B 117 6.77 -3.61 -7.64
CA VAL B 117 7.86 -3.90 -6.70
CA VAL B 117 7.80 -3.87 -6.65
C VAL B 117 7.92 -5.40 -6.35
N ALA B 118 9.11 -6.00 -6.60
CA ALA B 118 9.29 -7.43 -6.38
C ALA B 118 9.81 -7.78 -5.00
N LEU B 119 8.97 -7.54 -4.00
CA LEU B 119 9.32 -7.80 -2.61
C LEU B 119 8.17 -8.61 -2.03
N ASP B 120 8.49 -9.69 -1.32
CA ASP B 120 7.45 -10.57 -0.78
C ASP B 120 7.31 -10.45 0.73
N TYR B 121 6.13 -10.07 1.20
CA TYR B 121 5.79 -9.89 2.61
C TYR B 121 4.44 -10.53 2.91
N PRO B 122 4.15 -10.93 4.16
CA PRO B 122 2.81 -11.48 4.45
C PRO B 122 1.70 -10.51 4.04
N ALA B 123 0.53 -11.02 3.64
CA ALA B 123 -0.60 -10.23 3.16
C ALA B 123 -1.09 -9.09 4.12
N GLY B 124 -0.87 -9.25 5.43
CA GLY B 124 -1.22 -8.19 6.38
C GLY B 124 -0.34 -6.95 6.30
N THR B 125 0.68 -6.97 5.41
CA THR B 125 1.53 -5.82 5.08
C THR B 125 0.86 -4.94 3.97
N SER B 126 -0.27 -5.38 3.36
CA SER B 126 -0.99 -4.65 2.28
C SER B 126 -1.33 -3.24 2.77
N GLY B 127 -1.06 -2.22 1.96
CA GLY B 127 -1.28 -0.82 2.30
C GLY B 127 -0.01 -0.07 2.65
N SER B 128 1.14 -0.80 2.77
CA SER B 128 2.41 -0.15 3.10
C SER B 128 2.78 0.81 1.97
N PRO B 129 3.19 2.03 2.30
CA PRO B 129 3.49 3.00 1.25
C PRO B 129 4.81 2.77 0.56
N ILE B 130 4.90 3.20 -0.70
CA ILE B 130 6.10 3.18 -1.54
C ILE B 130 6.46 4.66 -1.71
N LEU B 131 7.72 5.02 -1.45
CA LEU B 131 8.21 6.40 -1.45
C LEU B 131 9.23 6.73 -2.51
N ASP B 132 9.23 7.99 -2.94
CA ASP B 132 10.29 8.47 -3.82
C ASP B 132 11.41 9.09 -2.91
N LYS B 133 12.49 9.58 -3.50
CA LYS B 133 13.62 10.15 -2.75
C LYS B 133 13.26 11.42 -1.97
N CYS B 134 12.14 12.08 -2.32
CA CYS B 134 11.65 13.22 -1.53
C CYS B 134 10.73 12.80 -0.36
N GLY B 135 10.54 11.50 -0.16
CA GLY B 135 9.64 11.01 0.88
C GLY B 135 8.17 11.05 0.52
N ARG B 136 7.85 11.38 -0.75
CA ARG B 136 6.46 11.45 -1.23
C ARG B 136 5.91 10.07 -1.51
N VAL B 137 4.64 9.83 -1.14
CA VAL B 137 4.04 8.52 -1.36
C VAL B 137 3.58 8.41 -2.81
N ILE B 138 4.26 7.58 -3.58
CA ILE B 138 3.95 7.34 -5.01
C ILE B 138 2.96 6.18 -5.24
N GLY B 139 2.57 5.49 -4.17
CA GLY B 139 1.60 4.42 -4.28
C GLY B 139 1.60 3.50 -3.08
N LEU B 140 0.65 2.55 -3.01
CA LEU B 140 0.59 1.59 -1.90
C LEU B 140 0.89 0.17 -2.41
N TYR B 141 1.47 -0.64 -1.54
CA TYR B 141 1.92 -2.02 -1.79
C TYR B 141 0.85 -3.02 -1.37
N GLY B 142 0.57 -4.05 -2.18
CA GLY B 142 -0.40 -5.07 -1.75
C GLY B 142 -1.38 -5.61 -2.77
N ASN B 143 -1.30 -5.17 -4.03
CA ASN B 143 -2.15 -5.73 -5.07
C ASN B 143 -1.27 -6.09 -6.23
N GLY B 144 -1.16 -7.36 -6.50
CA GLY B 144 -0.29 -7.83 -7.55
C GLY B 144 -0.54 -9.26 -7.97
N VAL B 145 0.55 -9.96 -8.23
CA VAL B 145 0.49 -11.29 -8.78
C VAL B 145 1.50 -12.27 -8.16
N VAL B 146 1.25 -13.58 -8.29
CA VAL B 146 2.14 -14.64 -7.80
C VAL B 146 2.87 -15.23 -8.98
N ILE B 147 4.21 -15.19 -8.97
CA ILE B 147 5.00 -15.69 -10.10
C ILE B 147 5.36 -17.21 -9.97
N LYS B 148 6.11 -17.79 -10.94
CA LYS B 148 6.51 -19.21 -10.96
C LYS B 148 6.99 -19.75 -9.62
N ASN B 149 7.74 -18.93 -8.89
CA ASN B 149 8.38 -19.24 -7.62
C ASN B 149 7.41 -19.31 -6.42
N GLY B 150 6.21 -18.77 -6.58
CA GLY B 150 5.24 -18.71 -5.48
C GLY B 150 5.30 -17.41 -4.70
N SER B 151 6.32 -16.56 -4.95
CA SER B 151 6.49 -15.26 -4.29
C SER B 151 5.56 -14.18 -4.93
N TYR B 152 5.48 -12.98 -4.32
CA TYR B 152 4.59 -11.90 -4.78
C TYR B 152 5.33 -10.76 -5.48
N VAL B 153 4.67 -10.15 -6.48
CA VAL B 153 5.13 -8.94 -7.14
C VAL B 153 3.95 -7.97 -7.11
N SER B 154 4.08 -6.85 -6.37
CA SER B 154 2.96 -5.91 -6.23
C SER B 154 3.01 -4.76 -7.24
N ALA B 155 1.85 -4.29 -7.73
CA ALA B 155 1.80 -3.08 -8.56
C ALA B 155 2.13 -1.89 -7.60
N ILE B 156 2.59 -0.76 -8.14
CA ILE B 156 2.71 0.46 -7.34
C ILE B 156 1.32 1.13 -7.59
N THR B 157 0.33 0.86 -6.72
CA THR B 157 -1.03 1.39 -6.91
C THR B 157 -1.18 2.81 -6.40
N GLN B 158 -1.47 3.77 -7.30
CA GLN B 158 -1.71 5.15 -6.88
C GLN B 158 -3.17 5.61 -7.26
N GLY B 159 -3.81 6.44 -6.43
CA GLY B 159 -5.13 6.99 -6.73
C GLY B 159 -5.02 8.33 -7.45
N LYS B 160 -6.17 8.99 -7.70
CA LYS B 160 -6.17 10.29 -8.36
C LYS B 160 -6.55 11.35 -7.32
N ARG B 161 -5.86 12.49 -7.31
CA ARG B 161 -6.21 13.58 -6.40
C ARG B 161 -7.12 14.55 -7.17
N GLU B 162 -8.39 14.65 -6.78
CA GLU B 162 -9.35 15.54 -7.44
C GLU B 162 -9.05 16.99 -7.08
S DMS C . -19.08 -3.11 4.93
O DMS C . -18.55 -1.73 4.74
C1 DMS C . -20.19 -3.10 6.36
C2 DMS C . -17.80 -4.16 5.65
N1 A1B9C D . -3.69 -9.06 -2.01
N3 A1B9C D . 0.84 -12.83 -1.19
C4 A1B9C D . -7.40 -9.32 -2.09
C5 A1B9C D . -7.69 -8.52 -3.20
C6 A1B9C D . -6.66 -7.85 -3.87
C7 A1B9C D . -5.33 -8.05 -3.50
C8 A1B9C D . -7.25 -6.99 -4.95
C10 A1B9C D . -1.71 -10.29 -1.22
C13 A1B9C D . 1.02 -10.45 -0.40
C15 A1B9C D . -0.16 -13.56 -1.79
C17 A1B9C D . -0.98 -11.51 -1.36
O1 A1B9C D . -3.80 -11.28 -1.66
C1 A1B9C D . -3.15 -10.24 -1.63
C2 A1B9C D . -5.04 -8.85 -2.40
C3 A1B9C D . -6.08 -9.49 -1.70
N2 A1B9C D . -8.61 -7.55 -5.08
C9 A1B9C D . -9.01 -8.12 -3.78
C11 A1B9C D . -1.02 -9.18 -0.72
C12 A1B9C D . 0.30 -9.29 -0.32
BR1 A1B9C D . 1.15 -7.78 0.47
C14 A1B9C D . 0.37 -11.57 -0.93
C16 A1B9C D . -1.29 -12.79 -1.89
S DMS E . 12.51 11.18 -6.75
O DMS E . 12.83 9.72 -6.65
C1 DMS E . 12.08 11.55 -8.47
C2 DMS E . 14.07 12.11 -6.78
#